data_4CH4
#
_entry.id   4CH4
#
_cell.length_a   105.045
_cell.length_b   105.045
_cell.length_c   71.771
_cell.angle_alpha   90.00
_cell.angle_beta   90.00
_cell.angle_gamma   120.00
#
_symmetry.space_group_name_H-M   'P 64'
#
loop_
_entity.id
_entity.type
_entity.pdbx_description
1 polymer 'PYRROLYSINE--TRNA LIGASE'
2 non-polymer "5'-O-[({(2R)-2-amino-6-[(2E)-but-2-enoylamino]hexanoyl}oxy)phosphinato]adenosine"
3 non-polymer 'MAGNESIUM ION'
4 non-polymer 1,2-ETHANEDIOL
5 water water
#
_entity_poly.entity_id   1
_entity_poly.type   'polypeptide(L)'
_entity_poly.pdbx_seq_one_letter_code
;MGSSHHHHHHSSGLVPRGSHMASAPALTKSQTDRLEVLLNPKDEISLNSGKPFRELESELLSRRKKDLQQIYAEERENYL
GKLEREITRFFVDRGFLEIKSPILIPLEYIERMGIDNDTELSKQIFRVDKNFCLRPMLAPNLYNYLRKLDRALPDPIKIF
EIGPCYRKESDGKEHLEEFTMLNFCQMGSGCTRENLESIITDFLNHLGIDFKIVGDSCMVYGDTLDVMHGDLELSSAVVG
PIPLDREWGIDKPWIGAGFGLERLLKVKHDFKNIKRAARSESYYNGISTNL
;
_entity_poly.pdbx_strand_id   A
#
loop_
_chem_comp.id
_chem_comp.type
_chem_comp.name
_chem_comp.formula
EDO non-polymer 1,2-ETHANEDIOL 'C2 H6 O2'
MG non-polymer 'MAGNESIUM ION' 'Mg 2'
YLC non-polymer 5'-O-[({(2R)-2-amino-6-[(2E)-but-2-enoylamino]hexanoyl}oxy)phosphinato]adenosine 'C20 H30 N7 O9 P'
#
# COMPACT_ATOMS: atom_id res chain seq x y z
N PRO A 25 23.19 -4.96 35.57
CA PRO A 25 23.41 -3.98 34.50
C PRO A 25 22.16 -3.80 33.62
N ALA A 26 21.62 -2.58 33.60
CA ALA A 26 20.51 -2.24 32.72
C ALA A 26 20.93 -2.40 31.24
N LEU A 27 19.98 -2.67 30.37
CA LEU A 27 20.27 -2.72 28.95
C LEU A 27 20.62 -1.34 28.41
N THR A 28 21.60 -1.26 27.51
CA THR A 28 21.88 -0.01 26.81
C THR A 28 20.79 0.25 25.75
N LYS A 29 20.69 1.49 25.29
CA LYS A 29 19.75 1.81 24.21
C LYS A 29 20.10 1.02 22.93
N SER A 30 21.39 0.89 22.63
CA SER A 30 21.82 0.06 21.48
C SER A 30 21.36 -1.39 21.59
N GLN A 31 21.53 -1.96 22.79
CA GLN A 31 21.13 -3.32 23.03
C GLN A 31 19.63 -3.44 22.88
N THR A 32 18.90 -2.46 23.40
CA THR A 32 17.45 -2.43 23.34
C THR A 32 16.99 -2.35 21.89
N ASP A 33 17.65 -1.51 21.08
CA ASP A 33 17.35 -1.46 19.66
C ASP A 33 17.53 -2.82 18.99
N ARG A 34 18.61 -3.51 19.37
CA ARG A 34 18.92 -4.84 18.81
C ARG A 34 17.84 -5.85 19.14
N LEU A 35 17.39 -5.88 20.38
CA LEU A 35 16.34 -6.80 20.78
C LEU A 35 15.01 -6.48 20.09
N GLU A 36 14.73 -5.19 19.89
CA GLU A 36 13.49 -4.77 19.23
C GLU A 36 13.42 -5.19 17.77
N VAL A 37 14.57 -5.25 17.11
CA VAL A 37 14.69 -5.81 15.78
C VAL A 37 14.16 -7.24 15.77
N LEU A 38 14.49 -7.97 16.82
CA LEU A 38 14.15 -9.39 16.95
C LEU A 38 12.80 -9.65 17.60
N LEU A 39 12.14 -8.60 18.09
CA LEU A 39 10.94 -8.80 18.87
C LEU A 39 9.77 -8.85 17.90
N ASN A 40 8.87 -9.79 18.08
CA ASN A 40 7.66 -9.86 17.26
C ASN A 40 6.51 -9.50 18.21
N PRO A 41 5.46 -8.86 17.69
CA PRO A 41 4.39 -8.51 18.62
C PRO A 41 3.72 -9.79 19.13
N LYS A 42 3.31 -9.80 20.39
CA LYS A 42 2.77 -11.02 21.01
C LYS A 42 3.86 -12.05 21.38
N ASP A 43 5.12 -11.61 21.50
CA ASP A 43 6.12 -12.42 22.18
C ASP A 43 5.80 -12.53 23.69
N GLU A 44 5.07 -11.55 24.22
CA GLU A 44 4.75 -11.51 25.65
C GLU A 44 6.04 -11.61 26.47
N ILE A 45 7.04 -10.82 26.09
CA ILE A 45 8.33 -10.79 26.79
C ILE A 45 8.66 -9.35 27.20
N SER A 46 9.23 -9.19 28.41
CA SER A 46 9.67 -7.90 28.92
C SER A 46 11.21 -7.83 28.94
N LEU A 47 11.71 -6.64 28.67
CA LEU A 47 13.14 -6.38 28.58
C LEU A 47 13.66 -5.72 29.87
N ASN A 48 12.78 -5.57 30.87
CA ASN A 48 13.16 -5.08 32.20
C ASN A 48 12.97 -6.19 33.23
N SER A 49 13.70 -7.30 33.05
CA SER A 49 13.50 -8.52 33.83
C SER A 49 14.74 -9.04 34.56
N GLY A 50 15.87 -8.32 34.44
CA GLY A 50 17.12 -8.74 35.07
C GLY A 50 17.81 -9.95 34.47
N LYS A 51 17.57 -10.23 33.19
CA LYS A 51 18.30 -11.27 32.45
C LYS A 51 19.32 -10.53 31.58
N PRO A 52 20.54 -11.08 31.41
CA PRO A 52 21.52 -10.38 30.58
C PRO A 52 21.12 -10.25 29.10
N PHE A 53 21.60 -9.21 28.46
CA PHE A 53 21.41 -9.01 27.02
C PHE A 53 21.68 -10.27 26.20
N ARG A 54 22.84 -10.89 26.41
CA ARG A 54 23.28 -12.04 25.58
C ARG A 54 22.23 -13.16 25.62
N GLU A 55 21.61 -13.34 26.78
CA GLU A 55 20.60 -14.37 26.97
C GLU A 55 19.25 -13.99 26.33
N LEU A 56 18.81 -12.74 26.52
CA LEU A 56 17.60 -12.26 25.86
C LEU A 56 17.78 -12.32 24.33
N GLU A 57 18.95 -11.93 23.84
CA GLU A 57 19.24 -12.02 22.43
C GLU A 57 19.15 -13.46 21.91
N SER A 58 19.75 -14.38 22.63
CA SER A 58 19.80 -15.78 22.25
C SER A 58 18.42 -16.43 22.20
N GLU A 59 17.59 -16.09 23.17
CA GLU A 59 16.19 -16.52 23.19
C GLU A 59 15.43 -16.01 21.94
N LEU A 60 15.53 -14.73 21.65
CA LEU A 60 14.83 -14.15 20.49
C LEU A 60 15.33 -14.69 19.16
N LEU A 61 16.64 -14.83 19.00
CA LEU A 61 17.19 -15.43 17.79
C LEU A 61 16.58 -16.81 17.61
N SER A 62 16.49 -17.57 18.69
CA SER A 62 15.95 -18.89 18.63
C SER A 62 14.52 -18.87 18.10
N ARG A 63 13.67 -18.01 18.67
CA ARG A 63 12.27 -17.94 18.25
C ARG A 63 12.14 -17.49 16.80
N ARG A 64 12.96 -16.51 16.39
CA ARG A 64 12.84 -15.97 15.04
C ARG A 64 13.30 -16.99 13.99
N LYS A 65 14.35 -17.75 14.30
CA LYS A 65 14.74 -18.85 13.42
C LYS A 65 13.64 -19.87 13.29
N LYS A 66 13.02 -20.22 14.42
CA LYS A 66 11.90 -21.14 14.41
C LYS A 66 10.75 -20.57 13.55
N ASP A 67 10.47 -19.26 13.65
CA ASP A 67 9.40 -18.68 12.83
C ASP A 67 9.70 -18.90 11.33
N LEU A 68 10.94 -18.67 10.91
CA LEU A 68 11.28 -18.84 9.50
C LEU A 68 11.19 -20.28 9.04
N GLN A 69 11.65 -21.18 9.92
CA GLN A 69 11.59 -22.61 9.66
C GLN A 69 10.15 -23.06 9.46
N GLN A 70 9.23 -22.57 10.29
CA GLN A 70 7.82 -22.90 10.17
C GLN A 70 7.24 -22.40 8.84
N ILE A 71 7.55 -21.16 8.46
CA ILE A 71 7.08 -20.64 7.14
C ILE A 71 7.64 -21.50 6.01
N TYR A 72 8.90 -21.89 6.13
CA TYR A 72 9.55 -22.63 5.06
C TYR A 72 8.96 -24.02 4.95
N ALA A 73 8.64 -24.62 6.09
CA ALA A 73 8.11 -26.00 6.11
C ALA A 73 6.66 -26.03 5.63
N GLU A 74 5.91 -24.96 5.91
CA GLU A 74 4.45 -25.00 5.71
C GLU A 74 4.01 -24.12 4.56
N GLU A 75 3.82 -22.83 4.77
CA GLU A 75 3.19 -22.06 3.68
C GLU A 75 4.14 -21.54 2.55
N ARG A 76 5.28 -20.97 2.92
CA ARG A 76 6.27 -20.51 1.96
C ARG A 76 5.85 -19.26 1.15
N GLU A 77 4.78 -18.59 1.54
CA GLU A 77 4.29 -17.39 0.84
C GLU A 77 4.76 -16.08 1.50
N ASN A 78 5.14 -15.14 0.67
CA ASN A 78 5.53 -13.83 1.13
C ASN A 78 4.27 -13.03 1.42
N TYR A 79 4.22 -12.31 2.53
CA TYR A 79 3.01 -11.57 2.88
C TYR A 79 2.55 -10.53 1.84
N LEU A 80 3.48 -9.82 1.23
CA LEU A 80 3.17 -8.81 0.24
C LEU A 80 2.63 -9.44 -1.03
N GLY A 81 3.24 -10.52 -1.49
CA GLY A 81 2.75 -11.25 -2.65
C GLY A 81 1.39 -11.86 -2.38
N LYS A 82 1.24 -12.51 -1.23
CA LYS A 82 -0.01 -13.10 -0.85
C LYS A 82 -1.15 -12.07 -0.69
N LEU A 83 -0.89 -10.95 -0.02
CA LEU A 83 -1.90 -9.89 0.06
C LEU A 83 -2.32 -9.41 -1.33
N GLU A 84 -1.36 -9.19 -2.22
CA GLU A 84 -1.69 -8.83 -3.61
C GLU A 84 -2.59 -9.87 -4.25
N ARG A 85 -2.34 -11.15 -4.02
CA ARG A 85 -3.19 -12.19 -4.62
C ARG A 85 -4.60 -12.21 -4.03
N GLU A 86 -4.69 -11.99 -2.72
CA GLU A 86 -5.99 -11.93 -2.05
C GLU A 86 -6.80 -10.68 -2.51
N ILE A 87 -6.14 -9.55 -2.62
CA ILE A 87 -6.83 -8.32 -3.08
C ILE A 87 -7.30 -8.51 -4.53
N THR A 88 -6.45 -9.10 -5.35
CA THR A 88 -6.71 -9.31 -6.76
C THR A 88 -8.01 -10.16 -6.93
N ARG A 89 -8.09 -11.25 -6.17
CA ARG A 89 -9.23 -12.12 -6.19
C ARG A 89 -10.52 -11.36 -5.79
N PHE A 90 -10.41 -10.53 -4.74
CA PHE A 90 -11.55 -9.76 -4.28
C PHE A 90 -12.11 -8.88 -5.40
N PHE A 91 -11.24 -8.12 -6.07
CA PHE A 91 -11.71 -7.18 -7.11
C PHE A 91 -12.12 -7.85 -8.40
N VAL A 92 -11.41 -8.92 -8.80
CA VAL A 92 -11.84 -9.69 -9.94
C VAL A 92 -13.24 -10.27 -9.73
N ASP A 93 -13.48 -10.83 -8.55
CA ASP A 93 -14.78 -11.42 -8.26
C ASP A 93 -15.88 -10.37 -8.21
N ARG A 94 -15.54 -9.12 -7.92
CA ARG A 94 -16.57 -8.08 -7.89
CA ARG A 94 -16.53 -8.03 -7.86
C ARG A 94 -16.72 -7.31 -9.21
N GLY A 95 -16.15 -7.84 -10.29
CA GLY A 95 -16.38 -7.24 -11.64
C GLY A 95 -15.29 -6.28 -12.17
N PHE A 96 -14.15 -6.20 -11.47
CA PHE A 96 -13.11 -5.21 -11.85
C PHE A 96 -12.05 -5.89 -12.67
N LEU A 97 -11.64 -5.25 -13.77
CA LEU A 97 -10.61 -5.77 -14.68
C LEU A 97 -9.22 -5.50 -14.11
N GLU A 98 -8.39 -6.55 -14.01
CA GLU A 98 -6.99 -6.44 -13.51
C GLU A 98 -6.07 -5.82 -14.56
N ILE A 99 -5.42 -4.75 -14.19
CA ILE A 99 -4.51 -3.99 -15.05
C ILE A 99 -3.09 -4.19 -14.57
N LYS A 100 -2.15 -4.33 -15.50
CA LYS A 100 -0.70 -4.30 -15.18
C LYS A 100 -0.04 -3.31 -16.15
N SER A 101 0.19 -2.08 -15.70
CA SER A 101 0.65 -0.98 -16.57
C SER A 101 2.09 -0.63 -16.21
N PRO A 102 2.78 0.23 -17.03
CA PRO A 102 4.16 0.48 -16.77
C PRO A 102 4.43 1.14 -15.41
N ILE A 103 5.54 0.77 -14.81
CA ILE A 103 6.00 1.38 -13.58
C ILE A 103 6.86 2.60 -13.91
N LEU A 104 7.67 2.49 -14.96
CA LEU A 104 8.46 3.59 -15.48
C LEU A 104 7.55 4.36 -16.46
N ILE A 105 7.22 5.62 -16.13
CA ILE A 105 6.29 6.40 -16.91
C ILE A 105 6.87 7.76 -17.39
N PRO A 106 6.24 8.37 -18.42
CA PRO A 106 6.74 9.68 -18.86
C PRO A 106 6.56 10.72 -17.77
N LEU A 107 7.59 11.54 -17.61
CA LEU A 107 7.50 12.69 -16.73
C LEU A 107 6.32 13.58 -17.09
N GLU A 108 6.04 13.73 -18.39
CA GLU A 108 4.89 14.54 -18.81
C GLU A 108 3.61 14.13 -18.05
N TYR A 109 3.46 12.85 -17.68
CA TYR A 109 2.25 12.42 -16.95
C TYR A 109 2.10 13.09 -15.58
N ILE A 110 3.23 13.37 -14.94
CA ILE A 110 3.24 14.04 -13.65
C ILE A 110 2.71 15.49 -13.77
N GLU A 111 3.20 16.25 -14.75
CA GLU A 111 2.68 17.59 -14.96
C GLU A 111 1.20 17.53 -15.30
N ARG A 112 0.81 16.58 -16.13
CA ARG A 112 -0.58 16.49 -16.53
C ARG A 112 -1.48 16.03 -15.40
N MET A 113 -0.91 15.51 -14.31
CA MET A 113 -1.64 15.27 -13.06
C MET A 113 -1.77 16.55 -12.24
N GLY A 114 -1.29 17.67 -12.77
CA GLY A 114 -1.36 18.93 -12.07
C GLY A 114 -0.30 19.08 -10.99
N ILE A 115 0.81 18.36 -11.11
CA ILE A 115 1.92 18.46 -10.16
C ILE A 115 3.03 19.33 -10.79
N ASP A 116 3.06 20.61 -10.41
CA ASP A 116 4.03 21.56 -10.95
C ASP A 116 5.37 21.43 -10.24
N ASN A 117 6.43 21.89 -10.91
CA ASN A 117 7.80 21.99 -10.31
C ASN A 117 7.91 22.73 -8.95
N ASP A 118 6.91 23.54 -8.60
CA ASP A 118 6.87 24.20 -7.29
C ASP A 118 6.21 23.34 -6.18
N THR A 119 5.56 22.24 -6.56
CA THR A 119 4.83 21.38 -5.61
C THR A 119 5.77 20.46 -4.81
N GLU A 120 5.42 20.22 -3.55
CA GLU A 120 6.22 19.36 -2.67
C GLU A 120 6.30 17.94 -3.25
N LEU A 121 5.18 17.46 -3.80
CA LEU A 121 5.17 16.14 -4.45
C LEU A 121 6.14 16.12 -5.66
N SER A 122 6.38 17.26 -6.29
CA SER A 122 7.37 17.30 -7.38
C SER A 122 8.79 17.00 -6.93
N LYS A 123 9.13 17.40 -5.71
CA LYS A 123 10.44 17.11 -5.14
C LYS A 123 10.53 15.63 -4.79
N GLN A 124 9.40 14.96 -4.64
CA GLN A 124 9.38 13.57 -4.24
C GLN A 124 9.52 12.57 -5.40
N ILE A 125 9.57 13.05 -6.64
CA ILE A 125 9.61 12.17 -7.81
C ILE A 125 11.00 11.64 -8.06
N PHE A 126 11.15 10.33 -8.24
CA PHE A 126 12.40 9.73 -8.74
C PHE A 126 12.47 9.81 -10.29
N ARG A 127 13.28 10.72 -10.82
CA ARG A 127 13.46 10.87 -12.25
CA ARG A 127 13.46 10.86 -12.26
C ARG A 127 14.43 9.80 -12.74
N VAL A 128 14.25 9.32 -13.97
CA VAL A 128 15.12 8.28 -14.46
C VAL A 128 15.95 8.77 -15.62
N ASP A 129 15.33 9.26 -16.67
CA ASP A 129 16.16 9.90 -17.70
C ASP A 129 15.77 11.37 -17.75
N LYS A 130 15.96 11.98 -18.90
CA LYS A 130 15.42 13.29 -19.17
C LYS A 130 13.90 13.24 -19.15
N ASN A 131 13.33 12.10 -19.56
CA ASN A 131 11.94 12.04 -19.94
C ASN A 131 11.04 11.13 -19.12
N PHE A 132 11.61 10.32 -18.24
CA PHE A 132 10.85 9.31 -17.53
C PHE A 132 10.99 9.42 -16.03
N CYS A 133 10.14 8.73 -15.29
CA CYS A 133 10.22 8.69 -13.83
C CYS A 133 9.60 7.39 -13.33
N LEU A 134 9.88 7.04 -12.08
CA LEU A 134 9.17 5.98 -11.38
C LEU A 134 7.80 6.55 -10.92
N ARG A 135 6.73 5.87 -11.30
CA ARG A 135 5.38 6.35 -10.97
C ARG A 135 5.22 6.53 -9.47
N PRO A 136 4.76 7.71 -9.02
CA PRO A 136 4.45 7.95 -7.62
C PRO A 136 3.04 7.57 -7.22
N MET A 137 2.21 7.26 -8.23
CA MET A 137 0.79 6.95 -8.06
C MET A 137 0.33 6.21 -9.32
N LEU A 138 -0.81 5.51 -9.21
CA LEU A 138 -1.37 4.74 -10.31
C LEU A 138 -2.33 5.53 -11.21
N ALA A 139 -2.78 6.70 -10.77
CA ALA A 139 -3.80 7.45 -11.49
C ALA A 139 -3.58 7.78 -12.98
N PRO A 140 -2.38 8.24 -13.38
CA PRO A 140 -2.26 8.56 -14.80
C PRO A 140 -2.50 7.36 -15.73
N ASN A 141 -1.91 6.22 -15.42
CA ASN A 141 -2.12 5.02 -16.24
C ASN A 141 -3.57 4.56 -16.20
N LEU A 142 -4.21 4.63 -15.04
CA LEU A 142 -5.62 4.25 -14.94
C LEU A 142 -6.53 5.20 -15.70
N TYR A 143 -6.23 6.50 -15.67
CA TYR A 143 -6.94 7.45 -16.50
C TYR A 143 -6.89 7.04 -17.98
N ASN A 144 -5.70 6.72 -18.46
CA ASN A 144 -5.54 6.31 -19.86
C ASN A 144 -6.31 5.04 -20.19
N TYR A 145 -6.29 4.07 -19.26
CA TYR A 145 -7.08 2.83 -19.47
C TYR A 145 -8.61 3.10 -19.46
N LEU A 146 -9.08 3.95 -18.55
CA LEU A 146 -10.50 4.35 -18.56
C LEU A 146 -10.93 4.94 -19.89
N ARG A 147 -10.15 5.89 -20.41
CA ARG A 147 -10.53 6.53 -21.69
C ARG A 147 -10.52 5.47 -22.81
N LYS A 148 -9.50 4.62 -22.84
CA LYS A 148 -9.39 3.67 -23.94
C LYS A 148 -10.48 2.58 -23.90
N LEU A 149 -10.71 2.04 -22.71
CA LEU A 149 -11.63 0.96 -22.55
C LEU A 149 -13.05 1.40 -22.74
N ASP A 150 -13.32 2.69 -22.54
CA ASP A 150 -14.66 3.25 -22.78
C ASP A 150 -15.12 3.06 -24.22
N ARG A 151 -14.18 2.82 -25.14
CA ARG A 151 -14.53 2.55 -26.53
C ARG A 151 -14.92 1.10 -26.77
N ALA A 152 -14.64 0.21 -25.81
CA ALA A 152 -14.83 -1.24 -26.01
C ALA A 152 -15.78 -1.92 -25.02
N LEU A 153 -15.84 -1.42 -23.80
CA LEU A 153 -16.50 -2.15 -22.72
C LEU A 153 -17.83 -1.50 -22.36
N PRO A 154 -18.80 -2.33 -21.91
CA PRO A 154 -20.09 -1.77 -21.50
C PRO A 154 -19.98 -0.99 -20.18
N ASP A 155 -20.87 -0.03 -20.02
CA ASP A 155 -21.04 0.75 -18.81
C ASP A 155 -21.61 -0.09 -17.68
N PRO A 156 -21.05 0.00 -16.45
CA PRO A 156 -19.91 0.82 -16.05
C PRO A 156 -18.56 0.13 -16.27
N ILE A 157 -17.53 0.93 -16.40
CA ILE A 157 -16.18 0.41 -16.55
C ILE A 157 -15.51 0.34 -15.16
N LYS A 158 -15.08 -0.86 -14.80
CA LYS A 158 -14.52 -1.15 -13.50
C LYS A 158 -13.15 -1.81 -13.70
N ILE A 159 -12.10 -1.14 -13.21
CA ILE A 159 -10.72 -1.62 -13.31
C ILE A 159 -9.96 -1.42 -12.00
N PHE A 160 -8.86 -2.14 -11.83
CA PHE A 160 -7.94 -1.92 -10.71
C PHE A 160 -6.53 -2.30 -11.09
N GLU A 161 -5.58 -1.74 -10.37
CA GLU A 161 -4.18 -2.16 -10.47
C GLU A 161 -3.59 -2.24 -9.08
N ILE A 162 -2.66 -3.17 -8.91
CA ILE A 162 -1.82 -3.30 -7.75
C ILE A 162 -0.39 -3.33 -8.24
N GLY A 163 0.44 -2.43 -7.72
CA GLY A 163 1.84 -2.51 -8.03
C GLY A 163 2.69 -1.46 -7.38
N PRO A 164 4.01 -1.55 -7.62
CA PRO A 164 4.99 -0.65 -7.06
C PRO A 164 4.76 0.83 -7.44
N CYS A 165 4.95 1.71 -6.47
CA CYS A 165 4.99 3.17 -6.64
C CYS A 165 6.13 3.69 -5.77
N TYR A 166 6.60 4.90 -6.10
CA TYR A 166 7.83 5.45 -5.56
C TYR A 166 7.71 6.93 -5.24
N ARG A 167 8.14 7.32 -4.05
CA ARG A 167 8.20 8.73 -3.64
C ARG A 167 9.38 8.94 -2.69
N LYS A 168 10.20 9.95 -2.92
CA LYS A 168 11.25 10.31 -1.95
C LYS A 168 10.56 10.82 -0.70
N GLU A 169 10.86 10.21 0.44
CA GLU A 169 10.21 10.54 1.71
C GLU A 169 11.31 10.78 2.73
N GLY A 172 10.29 7.91 8.00
CA GLY A 172 9.05 7.83 8.77
C GLY A 172 8.68 6.40 9.12
N LYS A 173 7.98 6.25 10.25
CA LYS A 173 7.42 4.96 10.69
C LYS A 173 6.11 4.62 9.96
N GLU A 174 5.67 5.51 9.04
CA GLU A 174 4.48 5.29 8.19
C GLU A 174 4.73 5.44 6.67
N HIS A 175 5.92 5.91 6.26
CA HIS A 175 6.24 6.19 4.84
C HIS A 175 7.48 5.44 4.33
N LEU A 176 7.34 4.86 3.14
CA LEU A 176 8.39 4.12 2.51
C LEU A 176 8.68 4.87 1.24
N GLU A 177 9.89 4.72 0.75
CA GLU A 177 10.19 5.24 -0.54
C GLU A 177 9.67 4.34 -1.63
N GLU A 178 9.66 3.05 -1.37
CA GLU A 178 9.22 2.04 -2.32
C GLU A 178 8.04 1.33 -1.69
N PHE A 179 6.85 1.49 -2.25
CA PHE A 179 5.66 0.91 -1.68
C PHE A 179 4.79 0.28 -2.77
N THR A 180 3.66 -0.29 -2.38
CA THR A 180 2.79 -1.00 -3.30
C THR A 180 1.39 -0.46 -3.09
N MET A 181 0.80 0.04 -4.17
CA MET A 181 -0.54 0.55 -4.10
C MET A 181 -1.52 -0.38 -4.75
N LEU A 182 -2.70 -0.46 -4.15
CA LEU A 182 -3.94 -0.82 -4.86
C LEU A 182 -4.69 0.48 -5.21
N ASN A 183 -5.12 0.58 -6.47
CA ASN A 183 -6.10 1.62 -6.85
C ASN A 183 -7.18 0.95 -7.66
N PHE A 184 -8.43 1.15 -7.25
CA PHE A 184 -9.52 0.70 -8.04
C PHE A 184 -10.35 1.88 -8.50
N CYS A 185 -11.05 1.72 -9.61
CA CYS A 185 -12.01 2.72 -10.01
C CYS A 185 -13.15 2.22 -10.89
N GLN A 186 -14.23 3.00 -10.87
CA GLN A 186 -15.43 2.73 -11.68
C GLN A 186 -15.81 4.01 -12.36
N MET A 187 -16.24 3.90 -13.62
CA MET A 187 -16.61 5.05 -14.44
C MET A 187 -17.92 4.76 -15.19
N GLY A 188 -18.85 5.72 -15.15
CA GLY A 188 -20.15 5.66 -15.85
C GLY A 188 -21.25 5.65 -14.79
N SER A 189 -22.12 4.64 -14.85
CA SER A 189 -23.23 4.49 -13.91
C SER A 189 -22.79 3.97 -12.54
N GLY A 190 -23.57 4.29 -11.50
CA GLY A 190 -23.31 3.81 -10.16
C GLY A 190 -22.16 4.47 -9.42
N CYS A 191 -21.68 5.60 -9.90
CA CYS A 191 -20.51 6.24 -9.32
C CYS A 191 -20.90 7.23 -8.23
N THR A 192 -21.48 6.67 -7.17
CA THR A 192 -21.91 7.46 -6.01
C THR A 192 -21.01 7.28 -4.81
N ARG A 193 -21.10 8.24 -3.90
CA ARG A 193 -20.42 8.15 -2.64
C ARG A 193 -20.85 6.90 -1.89
N GLU A 194 -22.16 6.63 -1.83
CA GLU A 194 -22.65 5.40 -1.19
C GLU A 194 -21.96 4.14 -1.73
N ASN A 195 -21.83 4.03 -3.06
CA ASN A 195 -21.24 2.83 -3.66
C ASN A 195 -19.73 2.77 -3.37
N LEU A 196 -19.07 3.91 -3.34
CA LEU A 196 -17.65 3.93 -3.04
C LEU A 196 -17.44 3.46 -1.58
N GLU A 197 -18.22 4.00 -0.65
CA GLU A 197 -18.09 3.62 0.75
C GLU A 197 -18.40 2.14 0.98
N SER A 198 -19.34 1.60 0.22
CA SER A 198 -19.69 0.19 0.33
C SER A 198 -18.59 -0.76 -0.15
N ILE A 199 -17.93 -0.43 -1.25
CA ILE A 199 -16.82 -1.20 -1.72
C ILE A 199 -15.67 -1.14 -0.70
N ILE A 200 -15.38 0.04 -0.20
CA ILE A 200 -14.36 0.18 0.84
C ILE A 200 -14.68 -0.66 2.09
N THR A 201 -15.94 -0.60 2.52
CA THR A 201 -16.40 -1.32 3.70
C THR A 201 -16.30 -2.85 3.50
N ASP A 202 -16.82 -3.36 2.38
CA ASP A 202 -16.73 -4.79 2.10
C ASP A 202 -15.26 -5.26 2.03
N PHE A 203 -14.43 -4.47 1.37
CA PHE A 203 -13.01 -4.80 1.18
C PHE A 203 -12.26 -4.94 2.51
N LEU A 204 -12.39 -3.95 3.37
CA LEU A 204 -11.69 -3.97 4.65
C LEU A 204 -12.29 -4.96 5.65
N ASN A 205 -13.61 -5.16 5.65
CA ASN A 205 -14.17 -6.20 6.50
C ASN A 205 -13.76 -7.59 5.99
N HIS A 206 -13.55 -7.72 4.69
CA HIS A 206 -13.02 -8.95 4.11
C HIS A 206 -11.59 -9.19 4.61
N LEU A 207 -10.74 -8.16 4.60
CA LEU A 207 -9.35 -8.31 5.07
C LEU A 207 -9.25 -8.42 6.60
N GLY A 208 -10.27 -8.03 7.33
CA GLY A 208 -10.20 -8.01 8.77
C GLY A 208 -9.45 -6.79 9.30
N ILE A 209 -9.66 -5.62 8.69
CA ILE A 209 -8.98 -4.39 9.12
C ILE A 209 -9.98 -3.34 9.60
N ASP A 210 -9.79 -2.85 10.81
CA ASP A 210 -10.69 -1.90 11.44
C ASP A 210 -10.47 -0.52 10.82
N PHE A 211 -11.54 0.26 10.61
CA PHE A 211 -11.39 1.53 9.93
C PHE A 211 -12.54 2.47 10.24
N LYS A 212 -12.36 3.73 9.87
CA LYS A 212 -13.47 4.66 9.76
C LYS A 212 -13.25 5.57 8.55
N ILE A 213 -14.35 5.99 7.96
CA ILE A 213 -14.33 6.87 6.81
C ILE A 213 -14.64 8.27 7.30
N VAL A 214 -13.72 9.21 7.07
CA VAL A 214 -13.95 10.62 7.41
C VAL A 214 -13.96 11.44 6.10
N GLY A 215 -14.95 12.31 5.96
CA GLY A 215 -15.08 13.13 4.74
C GLY A 215 -16.14 14.19 4.79
N GLY A 222 -17.83 15.28 -5.94
CA GLY A 222 -16.53 15.96 -5.92
C GLY A 222 -15.76 15.65 -4.65
N ASP A 223 -16.35 14.86 -3.76
CA ASP A 223 -15.77 14.61 -2.44
C ASP A 223 -14.44 13.84 -2.42
N THR A 224 -13.74 14.05 -1.30
CA THR A 224 -12.51 13.38 -0.90
C THR A 224 -12.69 12.82 0.50
N LEU A 225 -12.50 11.51 0.61
CA LEU A 225 -12.70 10.81 1.85
C LEU A 225 -11.37 10.19 2.23
N ASP A 226 -11.11 10.15 3.52
CA ASP A 226 -9.99 9.46 4.07
C ASP A 226 -10.46 8.25 4.87
N VAL A 227 -9.84 7.11 4.60
CA VAL A 227 -10.10 5.89 5.33
C VAL A 227 -8.98 5.73 6.33
N MET A 228 -9.33 5.83 7.61
CA MET A 228 -8.38 5.93 8.69
C MET A 228 -8.40 4.67 9.55
N HIS A 229 -7.21 4.29 10.03
CA HIS A 229 -7.08 3.35 11.12
C HIS A 229 -6.39 4.12 12.24
N GLY A 230 -7.18 4.58 13.23
CA GLY A 230 -6.66 5.51 14.25
C GLY A 230 -6.11 6.71 13.52
N ASP A 231 -4.86 7.05 13.79
CA ASP A 231 -4.16 8.14 13.13
C ASP A 231 -3.53 7.80 11.81
N LEU A 232 -3.60 6.52 11.40
CA LEU A 232 -2.91 6.07 10.20
C LEU A 232 -3.87 6.13 9.02
N GLU A 233 -3.46 6.81 7.94
CA GLU A 233 -4.26 6.86 6.71
C GLU A 233 -4.05 5.57 5.90
N LEU A 234 -5.14 4.82 5.69
CA LEU A 234 -5.08 3.63 4.85
C LEU A 234 -5.33 3.99 3.39
N SER A 235 -6.18 4.97 3.15
CA SER A 235 -6.59 5.33 1.79
C SER A 235 -7.06 6.76 1.68
N SER A 236 -6.83 7.36 0.50
CA SER A 236 -7.62 8.53 0.08
C SER A 236 -8.54 8.07 -1.06
N ALA A 237 -9.79 8.53 -1.03
CA ALA A 237 -10.77 8.08 -2.00
C ALA A 237 -11.44 9.31 -2.58
N VAL A 238 -11.94 9.18 -3.80
CA VAL A 238 -12.46 10.32 -4.54
C VAL A 238 -13.77 9.98 -5.23
N VAL A 239 -14.72 10.90 -5.13
CA VAL A 239 -15.96 10.85 -5.92
C VAL A 239 -15.81 11.93 -6.97
N GLY A 240 -15.64 11.50 -8.22
CA GLY A 240 -15.55 12.41 -9.37
C GLY A 240 -16.95 12.75 -9.84
N PRO A 241 -17.08 13.56 -10.89
CA PRO A 241 -15.96 14.11 -11.64
C PRO A 241 -15.19 15.21 -10.91
N ILE A 242 -13.95 15.44 -11.35
CA ILE A 242 -13.17 16.60 -10.92
C ILE A 242 -12.63 17.32 -12.17
N PRO A 243 -12.25 18.59 -12.06
CA PRO A 243 -11.71 19.33 -13.22
C PRO A 243 -10.50 18.67 -13.94
N LEU A 244 -9.68 17.92 -13.22
CA LEU A 244 -8.50 17.27 -13.81
C LEU A 244 -8.89 16.28 -14.92
N ASP A 245 -10.08 15.69 -14.81
CA ASP A 245 -10.55 14.66 -15.73
C ASP A 245 -10.35 15.04 -17.20
N ARG A 246 -10.69 16.28 -17.52
CA ARG A 246 -10.65 16.77 -18.89
C ARG A 246 -9.27 16.71 -19.51
N GLU A 247 -8.22 16.84 -18.71
CA GLU A 247 -6.85 16.72 -19.20
C GLU A 247 -6.55 15.30 -19.68
N TRP A 248 -7.32 14.34 -19.18
CA TRP A 248 -7.14 12.94 -19.53
C TRP A 248 -8.21 12.42 -20.51
N GLY A 249 -9.01 13.32 -21.06
CA GLY A 249 -10.04 12.95 -22.01
C GLY A 249 -11.18 12.17 -21.35
N ILE A 250 -11.39 12.41 -20.06
CA ILE A 250 -12.45 11.75 -19.31
C ILE A 250 -13.56 12.77 -19.06
N ASP A 251 -14.80 12.40 -19.36
CA ASP A 251 -15.95 13.29 -19.15
CA ASP A 251 -15.95 13.28 -19.16
C ASP A 251 -17.17 12.52 -18.62
N LYS A 252 -16.93 11.51 -17.78
CA LYS A 252 -18.03 10.76 -17.15
C LYS A 252 -17.85 10.75 -15.62
N PRO A 253 -18.93 10.50 -14.89
CA PRO A 253 -18.82 10.27 -13.45
C PRO A 253 -17.88 9.11 -13.14
N TRP A 254 -17.17 9.19 -12.02
CA TRP A 254 -16.34 8.11 -11.58
C TRP A 254 -16.12 8.14 -10.06
N ILE A 255 -15.73 6.98 -9.52
CA ILE A 255 -15.30 6.85 -8.12
C ILE A 255 -14.02 6.01 -8.06
N GLY A 256 -13.21 6.25 -7.05
CA GLY A 256 -11.98 5.46 -6.92
C GLY A 256 -11.31 5.60 -5.56
N ALA A 257 -10.37 4.72 -5.28
CA ALA A 257 -9.57 4.85 -4.08
C ALA A 257 -8.25 4.12 -4.22
N GLY A 258 -7.26 4.60 -3.48
CA GLY A 258 -5.90 4.05 -3.43
C GLY A 258 -5.57 3.62 -2.02
N PHE A 259 -5.14 2.35 -1.86
CA PHE A 259 -4.67 1.80 -0.59
C PHE A 259 -3.20 1.37 -0.70
N GLY A 260 -2.39 1.75 0.29
CA GLY A 260 -1.02 1.20 0.44
C GLY A 260 -1.01 -0.20 1.03
N LEU A 261 -0.47 -1.19 0.32
CA LEU A 261 -0.50 -2.57 0.83
C LEU A 261 0.35 -2.76 2.11
N GLU A 262 1.50 -2.13 2.15
CA GLU A 262 2.36 -2.17 3.34
C GLU A 262 1.68 -1.61 4.57
N ARG A 263 0.93 -0.52 4.41
CA ARG A 263 0.07 -0.05 5.52
C ARG A 263 -0.97 -1.05 5.98
N LEU A 264 -1.65 -1.71 5.03
CA LEU A 264 -2.59 -2.75 5.40
C LEU A 264 -1.91 -3.89 6.19
N LEU A 265 -0.73 -4.32 5.75
CA LEU A 265 0.01 -5.38 6.44
C LEU A 265 0.42 -4.94 7.83
N LYS A 266 0.87 -3.70 7.92
CA LYS A 266 1.30 -3.14 9.19
C LYS A 266 0.20 -3.21 10.22
N VAL A 267 -1.02 -2.86 9.83
CA VAL A 267 -2.15 -2.91 10.74
C VAL A 267 -2.54 -4.37 10.98
N LYS A 268 -2.65 -5.15 9.92
CA LYS A 268 -3.07 -6.53 10.08
C LYS A 268 -2.14 -7.35 10.99
N HIS A 269 -0.83 -7.18 10.84
CA HIS A 269 0.11 -7.96 11.63
C HIS A 269 0.63 -7.20 12.83
N ASP A 270 0.11 -6.00 13.07
CA ASP A 270 0.51 -5.21 14.24
C ASP A 270 2.01 -4.91 14.28
N PHE A 271 2.61 -4.66 13.13
CA PHE A 271 4.01 -4.28 13.09
C PHE A 271 4.14 -2.87 13.67
N LYS A 272 5.13 -2.64 14.50
CA LYS A 272 5.42 -1.31 15.05
C LYS A 272 6.02 -0.39 13.98
N ASN A 273 6.76 -0.96 13.03
CA ASN A 273 7.40 -0.17 12.00
C ASN A 273 7.03 -0.71 10.62
N ILE A 274 6.60 0.18 9.75
CA ILE A 274 6.19 -0.18 8.41
C ILE A 274 7.29 -0.84 7.57
N LYS A 275 8.55 -0.63 7.93
CA LYS A 275 9.66 -1.27 7.20
C LYS A 275 9.54 -2.79 7.26
N ARG A 276 8.86 -3.30 8.29
CA ARG A 276 8.62 -4.75 8.43
C ARG A 276 7.71 -5.36 7.39
N ALA A 277 6.94 -4.49 6.72
CA ALA A 277 5.97 -4.90 5.71
C ALA A 277 6.46 -4.63 4.28
N ALA A 278 7.65 -4.06 4.14
CA ALA A 278 8.15 -3.62 2.84
C ALA A 278 8.94 -4.70 2.12
N ARG A 279 9.05 -4.54 0.81
CA ARG A 279 10.08 -5.23 0.01
C ARG A 279 11.37 -4.94 0.72
N SER A 280 12.12 -5.95 1.08
CA SER A 280 13.27 -5.73 1.95
C SER A 280 14.22 -6.89 1.92
N GLU A 281 15.47 -6.60 2.26
CA GLU A 281 16.45 -7.66 2.53
C GLU A 281 16.66 -7.88 4.04
N SER A 282 16.05 -7.03 4.88
CA SER A 282 16.27 -7.03 6.34
CA SER A 282 16.30 -7.09 6.32
C SER A 282 15.10 -7.67 7.09
N TYR A 283 13.95 -7.79 6.41
CA TYR A 283 12.78 -8.40 7.01
C TYR A 283 12.07 -9.32 6.00
N TYR A 284 11.61 -10.47 6.46
CA TYR A 284 10.83 -11.40 5.66
C TYR A 284 9.55 -11.68 6.47
N ASN A 285 8.39 -11.34 5.90
CA ASN A 285 7.14 -11.49 6.62
C ASN A 285 7.22 -10.92 8.04
N GLY A 286 7.88 -9.76 8.18
CA GLY A 286 8.05 -9.11 9.46
C GLY A 286 9.07 -9.73 10.40
N ILE A 287 9.82 -10.73 9.94
CA ILE A 287 10.86 -11.37 10.74
C ILE A 287 12.22 -10.90 10.29
N SER A 288 13.06 -10.49 11.25
CA SER A 288 14.40 -10.07 10.92
C SER A 288 15.14 -11.17 10.18
N THR A 289 15.81 -10.80 9.08
CA THR A 289 16.69 -11.75 8.39
C THR A 289 18.15 -11.68 8.87
N ASN A 290 18.41 -10.79 9.83
CA ASN A 290 19.76 -10.62 10.39
C ASN A 290 19.88 -11.43 11.70
N LEU A 291 20.05 -12.72 11.52
CA LEU A 291 20.02 -13.70 12.59
C LEU A 291 21.39 -14.34 12.83
C YLC B . -3.20 9.04 -4.40
N YLC B . -4.25 6.92 -4.98
O YLC B . -3.19 9.93 -5.28
N1 YLC B . 4.52 4.72 1.88
C2 YLC B . 3.56 3.81 2.09
C3 YLC B . -8.09 7.68 -12.41
N3 YLC B . 2.29 3.96 1.69
C4 YLC B . 1.90 5.08 1.02
C5 YLC B . 2.92 6.13 0.75
C6 YLC B . 4.31 5.90 1.23
N6 YLC B . 5.28 6.80 1.01
N7 YLC B . 2.30 7.11 0.10
C8 YLC B . 1.00 6.74 -0.05
N9 YLC B . 0.76 5.52 0.52
CA YLC B . -4.42 8.16 -4.26
CB YLC B . -5.66 8.91 -4.77
C1' YLC B . -0.55 4.80 0.53
C2' YLC B . -1.42 5.12 1.72
O2' YLC B . -2.20 3.98 2.09
C3' YLC B . -2.29 6.26 1.21
O3' YLC B . -3.50 6.42 1.93
C4' YLC B . -2.56 5.79 -0.21
O4' YLC B . -1.34 5.18 -0.61
C5' YLC B . -2.97 6.89 -1.18
O5' YLC B . -1.95 7.87 -1.16
OAD YLC B . -8.19 5.62 -8.10
OAF YLC B . -0.87 10.04 -1.60
OAI YLC B . -3.46 9.78 -1.58
CAM YLC B . -7.32 7.42 -5.93
CAN YLC B . -6.92 8.08 -4.62
CAO YLC B . -8.55 8.02 -6.57
NAW YLC B . -8.54 7.87 -8.02
OAY YLC B . -2.06 8.89 -3.50
CBA YLC B . -8.35 6.71 -8.67
CBF YLC B . -8.26 7.82 -10.91
CBK YLC B . -8.24 6.72 -10.16
PBN YLC B . -2.10 9.25 -1.91
MG MG C . -3.38 11.00 0.88
C1 EDO D . -0.75 -11.56 4.32
O1 EDO D . -1.23 -11.21 5.62
C2 EDO D . -1.92 -12.09 3.50
O2 EDO D . -3.04 -11.26 3.77
C1 EDO E . -14.02 8.75 -21.46
O1 EDO E . -14.35 8.49 -22.82
C2 EDO E . -15.30 8.95 -20.66
O2 EDO E . -15.69 10.31 -20.81
C1 EDO F . 7.08 -9.18 3.20
O1 EDO F . 8.41 -9.69 3.31
C2 EDO F . 6.77 -8.02 4.13
O2 EDO F . 6.47 -8.49 5.45
C1 EDO G . -0.95 6.08 -23.78
O1 EDO G . -0.98 5.25 -24.95
C2 EDO G . -2.28 6.84 -23.69
O2 EDO G . -2.02 8.18 -23.23
C1 EDO H . -10.41 2.48 13.21
O1 EDO H . -9.24 1.87 13.80
C2 EDO H . -10.81 3.75 13.90
O2 EDO H . -9.98 4.79 13.40
#